data_6CPL
#
_entry.id   6CPL
#
_cell.length_a   65.746
_cell.length_b   65.746
_cell.length_c   222.514
_cell.angle_alpha   90.00
_cell.angle_beta   90.00
_cell.angle_gamma   120.00
#
_symmetry.space_group_name_H-M   'P 31 1 2'
#
loop_
_entity.id
_entity.type
_entity.pdbx_description
1 polymer 'HLA class II histocompatibility antigen, DR alpha chain'
2 polymer 'HLA class II histocompatibility antigen, DRB1-11 beta chain'
3 polymer 'Gag polyprotein'
4 branched 2-acetamido-2-deoxy-beta-D-glucopyranose-(1-4)-2-acetamido-2-deoxy-beta-D-glucopyranose
5 non-polymer 2-acetamido-2-deoxy-beta-D-glucopyranose
6 non-polymer 'SULFATE ION'
7 non-polymer 'SODIUM ION'
8 non-polymer 'ACETATE ION'
9 water water
#
loop_
_entity_poly.entity_id
_entity_poly.type
_entity_poly.pdbx_seq_one_letter_code
_entity_poly.pdbx_strand_id
1 'polypeptide(L)'
;IKEEHVIIQAEFYLNPDQSGEFMFDFDGDEIFHVDMAKKETVWRLEEFGRFASFEAQGALANIAVDKANLEIMTKRSNYT
PITNVPPEVTVLTNSPVELREPNVLICFIDKFTPPVVNVTWLRNGKPVTTGVSETVFLPREDHLFRKFHYLPFLPSTEDV
YDCRVEHWGLDEPLLKHWEFDAPSPLPETTENVVCALGLTVGLVGIIIGTIFIIKGVRKSNAAERRGPL
;
A
2 'polypeptide(L)'
;GDTRPRFLEYSTSECHFFNGTERVRFLDRYFYNQEEYVRFDSDVGEFRAVTELGRPDEEYWNSQKDFLEDRRAAVDTYCR
HNYGVGESFTVQRRVHPKVTVYPSKTQPLQHHNLLVCSVSGFYPGSIEVRWFRNGQEEKTGVVSTGLIHNGDWTFQTLVM
LETVPRSGEVYTCQVEHPSVTSPLTVEWRA
;
B
3 'polypeptide(L)' FRDYVDRFYKTLRAEQASQE C
#
loop_
_chem_comp.id
_chem_comp.type
_chem_comp.name
_chem_comp.formula
ACT non-polymer 'ACETATE ION' 'C2 H3 O2 -1'
NA non-polymer 'SODIUM ION' 'Na 1'
NAG D-saccharide, beta linking 2-acetamido-2-deoxy-beta-D-glucopyranose 'C8 H15 N O6'
SO4 non-polymer 'SULFATE ION' 'O4 S -2'
#
# COMPACT_ATOMS: atom_id res chain seq x y z
N LYS A 2 -2.03 -19.49 -1.12
CA LYS A 2 -1.83 -19.93 -2.50
C LYS A 2 -1.67 -18.75 -3.48
N GLU A 3 -2.12 -17.56 -3.06
CA GLU A 3 -2.07 -16.30 -3.82
C GLU A 3 -0.63 -15.84 -4.07
N GLU A 4 -0.28 -15.63 -5.35
CA GLU A 4 1.05 -15.15 -5.72
C GLU A 4 1.06 -13.61 -5.71
N HIS A 5 0.30 -12.98 -6.63
CA HIS A 5 0.23 -11.52 -6.77
C HIS A 5 -1.20 -11.01 -6.92
N VAL A 6 -1.41 -9.71 -6.60
CA VAL A 6 -2.71 -9.02 -6.70
C VAL A 6 -2.57 -7.65 -7.35
N ILE A 7 -3.27 -7.43 -8.47
CA ILE A 7 -3.34 -6.15 -9.17
C ILE A 7 -4.73 -5.57 -8.89
N ILE A 8 -4.78 -4.35 -8.35
CA ILE A 8 -6.03 -3.66 -8.02
C ILE A 8 -6.08 -2.32 -8.75
N GLN A 9 -7.21 -2.04 -9.40
CA GLN A 9 -7.52 -0.76 -10.01
C GLN A 9 -8.47 -0.12 -8.99
N ALA A 10 -7.99 0.86 -8.22
CA ALA A 10 -8.82 1.51 -7.20
C ALA A 10 -9.20 2.91 -7.62
N GLU A 11 -10.52 3.19 -7.57
CA GLU A 11 -11.05 4.48 -7.97
C GLU A 11 -12.15 4.98 -7.03
N PHE A 12 -12.18 6.29 -6.77
CA PHE A 12 -13.21 6.90 -5.94
C PHE A 12 -13.65 8.28 -6.40
N TYR A 13 -14.81 8.72 -5.90
CA TYR A 13 -15.36 10.05 -6.10
C TYR A 13 -16.02 10.44 -4.81
N LEU A 14 -15.76 11.68 -4.36
CA LEU A 14 -16.29 12.19 -3.10
C LEU A 14 -17.03 13.51 -3.24
N ASN A 15 -18.19 13.62 -2.59
CA ASN A 15 -19.04 14.82 -2.53
C ASN A 15 -19.07 15.31 -1.08
N PRO A 16 -19.08 16.64 -0.80
CA PRO A 16 -19.20 17.79 -1.73
C PRO A 16 -17.89 18.27 -2.36
N ASP A 17 -16.76 17.63 -2.01
CA ASP A 17 -15.41 17.98 -2.48
C ASP A 17 -15.26 17.96 -3.98
N GLN A 18 -16.02 17.07 -4.67
CA GLN A 18 -16.02 16.88 -6.13
C GLN A 18 -14.61 16.47 -6.61
N SER A 19 -13.93 15.68 -5.76
CA SER A 19 -12.60 15.15 -5.99
C SER A 19 -12.64 13.65 -6.22
N GLY A 20 -11.89 13.23 -7.21
CA GLY A 20 -11.74 11.84 -7.60
C GLY A 20 -10.30 11.41 -7.66
N GLU A 21 -10.10 10.10 -7.77
CA GLU A 21 -8.79 9.47 -7.84
C GLU A 21 -8.91 8.13 -8.55
N PHE A 22 -7.89 7.79 -9.34
CA PHE A 22 -7.78 6.53 -10.07
C PHE A 22 -6.34 6.09 -9.95
N MET A 23 -6.11 4.83 -9.58
CA MET A 23 -4.76 4.29 -9.41
C MET A 23 -4.72 2.79 -9.63
N PHE A 24 -3.51 2.26 -9.89
CA PHE A 24 -3.26 0.83 -10.01
C PHE A 24 -2.31 0.43 -8.90
N ASP A 25 -2.62 -0.69 -8.24
CA ASP A 25 -1.86 -1.22 -7.13
C ASP A 25 -1.40 -2.65 -7.44
N PHE A 26 -0.16 -2.96 -7.07
CA PHE A 26 0.45 -4.28 -7.23
C PHE A 26 1.05 -4.67 -5.90
N ASP A 27 0.52 -5.74 -5.25
CA ASP A 27 0.97 -6.24 -3.93
C ASP A 27 1.14 -5.15 -2.84
N GLY A 28 0.26 -4.16 -2.85
CA GLY A 28 0.28 -3.08 -1.87
C GLY A 28 1.05 -1.84 -2.29
N ASP A 29 1.69 -1.90 -3.46
CA ASP A 29 2.44 -0.77 -4.02
C ASP A 29 1.71 -0.14 -5.18
N GLU A 30 1.70 1.19 -5.21
CA GLU A 30 1.11 2.00 -6.27
C GLU A 30 1.99 1.83 -7.52
N ILE A 31 1.39 1.45 -8.67
CA ILE A 31 2.17 1.35 -9.92
C ILE A 31 2.16 2.76 -10.49
N PHE A 32 0.95 3.35 -10.58
CA PHE A 32 0.71 4.70 -11.09
C PHE A 32 -0.63 5.24 -10.59
N HIS A 33 -0.85 6.54 -10.81
CA HIS A 33 -2.10 7.23 -10.53
C HIS A 33 -2.33 8.25 -11.64
N VAL A 34 -3.57 8.69 -11.78
CA VAL A 34 -3.91 9.69 -12.78
C VAL A 34 -4.11 11.05 -12.12
N ASP A 35 -3.35 12.05 -12.61
CA ASP A 35 -3.43 13.45 -12.18
C ASP A 35 -4.71 13.98 -12.84
N MET A 36 -5.77 14.16 -12.04
CA MET A 36 -7.09 14.60 -12.51
C MET A 36 -7.09 16.01 -13.12
N ALA A 37 -6.34 16.94 -12.53
CA ALA A 37 -6.22 18.32 -12.99
C ALA A 37 -5.43 18.43 -14.30
N LYS A 38 -4.28 17.73 -14.40
CA LYS A 38 -3.40 17.77 -15.58
C LYS A 38 -3.75 16.78 -16.71
N LYS A 39 -4.59 15.75 -16.46
CA LYS A 39 -4.97 14.69 -17.43
C LYS A 39 -3.68 13.93 -17.82
N GLU A 40 -2.93 13.48 -16.79
CA GLU A 40 -1.65 12.81 -16.96
C GLU A 40 -1.52 11.56 -16.11
N THR A 41 -0.82 10.55 -16.65
CA THR A 41 -0.46 9.34 -15.93
C THR A 41 0.82 9.70 -15.16
N VAL A 42 0.83 9.43 -13.85
CA VAL A 42 1.96 9.72 -12.98
C VAL A 42 2.44 8.39 -12.41
N TRP A 43 3.61 7.91 -12.89
CA TRP A 43 4.25 6.66 -12.48
C TRP A 43 4.92 6.81 -11.12
N ARG A 44 4.82 5.77 -10.27
CA ARG A 44 5.42 5.76 -8.92
C ARG A 44 6.94 5.84 -9.02
N LEU A 45 7.52 4.99 -9.86
CA LEU A 45 8.95 4.94 -10.18
C LEU A 45 9.04 5.23 -11.65
N GLU A 46 9.84 6.23 -12.03
CA GLU A 46 9.97 6.70 -13.42
C GLU A 46 10.41 5.69 -14.47
N GLU A 47 11.05 4.59 -14.05
CA GLU A 47 11.45 3.49 -14.93
C GLU A 47 10.22 2.72 -15.46
N PHE A 48 9.09 2.77 -14.71
CA PHE A 48 7.83 2.11 -15.08
C PHE A 48 7.27 2.65 -16.40
N GLY A 49 7.44 3.95 -16.63
CA GLY A 49 7.00 4.64 -17.83
C GLY A 49 7.77 4.27 -19.09
N ARG A 50 8.96 3.66 -18.93
CA ARG A 50 9.82 3.22 -20.03
C ARG A 50 9.34 1.89 -20.59
N PHE A 51 8.81 0.99 -19.73
CA PHE A 51 8.35 -0.36 -20.11
C PHE A 51 6.86 -0.48 -20.32
N ALA A 52 6.08 0.43 -19.72
CA ALA A 52 4.62 0.42 -19.83
C ALA A 52 4.04 1.81 -20.04
N SER A 53 2.78 1.85 -20.48
CA SER A 53 2.05 3.09 -20.69
C SER A 53 0.59 2.96 -20.29
N PHE A 54 -0.08 4.10 -20.11
CA PHE A 54 -1.48 4.16 -19.74
C PHE A 54 -2.13 5.41 -20.30
N GLU A 55 -3.30 5.23 -20.93
CA GLU A 55 -4.08 6.34 -21.47
C GLU A 55 -4.96 6.91 -20.35
N ALA A 56 -4.58 8.12 -19.86
CA ALA A 56 -5.24 8.86 -18.78
C ALA A 56 -6.74 9.12 -18.99
N GLN A 57 -7.19 9.23 -20.27
CA GLN A 57 -8.58 9.44 -20.66
C GLN A 57 -9.52 8.34 -20.13
N GLY A 58 -9.03 7.10 -20.10
CA GLY A 58 -9.76 5.95 -19.58
C GLY A 58 -10.13 6.12 -18.12
N ALA A 59 -9.19 6.67 -17.33
CA ALA A 59 -9.38 6.95 -15.90
C ALA A 59 -10.43 8.04 -15.68
N LEU A 60 -10.34 9.15 -16.46
CA LEU A 60 -11.25 10.29 -16.38
C LEU A 60 -12.66 9.93 -16.79
N ALA A 61 -12.81 9.04 -17.80
CA ALA A 61 -14.11 8.54 -18.27
C ALA A 61 -14.76 7.70 -17.16
N ASN A 62 -13.94 6.89 -16.43
CA ASN A 62 -14.39 6.07 -15.30
C ASN A 62 -14.87 6.95 -14.15
N ILE A 63 -14.14 8.05 -13.86
CA ILE A 63 -14.44 9.03 -12.80
C ILE A 63 -15.79 9.71 -13.02
N ALA A 64 -16.13 10.01 -14.29
CA ALA A 64 -17.42 10.60 -14.65
C ALA A 64 -18.55 9.62 -14.31
N VAL A 65 -18.31 8.30 -14.50
CA VAL A 65 -19.27 7.24 -14.18
C VAL A 65 -19.38 7.06 -12.65
N ASP A 66 -18.23 7.10 -11.93
CA ASP A 66 -18.18 6.98 -10.47
C ASP A 66 -18.96 8.12 -9.82
N LYS A 67 -18.85 9.34 -10.38
CA LYS A 67 -19.55 10.55 -9.93
C LYS A 67 -21.06 10.33 -10.09
N ALA A 68 -21.50 9.86 -11.28
CA ALA A 68 -22.90 9.55 -11.61
C ALA A 68 -23.44 8.46 -10.67
N ASN A 69 -22.62 7.41 -10.41
CA ASN A 69 -22.95 6.31 -9.51
C ASN A 69 -23.05 6.77 -8.08
N LEU A 70 -22.21 7.75 -7.67
CA LEU A 70 -22.28 8.32 -6.33
C LEU A 70 -23.64 9.00 -6.14
N GLU A 71 -24.06 9.82 -7.13
CA GLU A 71 -25.33 10.54 -7.14
C GLU A 71 -26.50 9.59 -6.92
N ILE A 72 -26.50 8.43 -7.62
CA ILE A 72 -27.49 7.35 -7.55
C ILE A 72 -27.47 6.70 -6.17
N MET A 73 -26.28 6.30 -5.69
CA MET A 73 -26.08 5.65 -4.38
C MET A 73 -26.45 6.53 -3.19
N THR A 74 -26.17 7.85 -3.27
CA THR A 74 -26.52 8.83 -2.23
C THR A 74 -28.06 8.85 -2.07
N LYS A 75 -28.79 8.89 -3.20
CA LYS A 75 -30.25 8.87 -3.26
C LYS A 75 -30.78 7.54 -2.74
N ARG A 76 -30.21 6.41 -3.23
CA ARG A 76 -30.58 5.05 -2.85
C ARG A 76 -30.45 4.75 -1.36
N SER A 77 -29.43 5.33 -0.68
CA SER A 77 -29.19 5.16 0.75
C SER A 77 -30.02 6.10 1.65
N ASN A 78 -30.89 6.94 1.03
CA ASN A 78 -31.73 7.93 1.70
C ASN A 78 -30.87 9.07 2.28
N TYR A 79 -29.82 9.46 1.51
CA TYR A 79 -28.87 10.54 1.79
C TYR A 79 -28.09 10.36 3.10
N THR A 80 -27.62 9.13 3.34
CA THR A 80 -26.83 8.74 4.51
C THR A 80 -25.37 9.14 4.29
N PRO A 81 -24.81 10.02 5.15
CA PRO A 81 -23.40 10.39 4.97
C PRO A 81 -22.46 9.34 5.53
N ILE A 82 -21.15 9.50 5.23
CA ILE A 82 -20.11 8.58 5.71
C ILE A 82 -19.86 8.81 7.20
N THR A 83 -19.53 7.73 7.91
CA THR A 83 -19.12 7.78 9.30
C THR A 83 -17.59 7.83 9.24
N ASN A 84 -17.00 8.95 9.68
CA ASN A 84 -15.56 9.15 9.66
C ASN A 84 -14.85 8.13 10.54
N VAL A 85 -13.82 7.48 9.98
CA VAL A 85 -13.00 6.51 10.72
C VAL A 85 -11.62 7.16 10.86
N PRO A 86 -11.18 7.47 12.11
CA PRO A 86 -9.88 8.14 12.26
C PRO A 86 -8.70 7.23 11.91
N PRO A 87 -7.55 7.78 11.47
CA PRO A 87 -6.42 6.92 11.10
C PRO A 87 -5.46 6.58 12.24
N GLU A 88 -4.72 5.47 12.04
CA GLU A 88 -3.64 5.02 12.90
C GLU A 88 -2.38 5.54 12.19
N VAL A 89 -1.57 6.33 12.91
CA VAL A 89 -0.35 6.93 12.34
C VAL A 89 0.92 6.35 12.98
N THR A 90 1.85 5.85 12.13
CA THR A 90 3.12 5.26 12.55
C THR A 90 4.27 6.00 11.85
N VAL A 91 5.25 6.48 12.64
CA VAL A 91 6.44 7.16 12.11
C VAL A 91 7.64 6.26 12.31
N LEU A 92 8.39 6.04 11.23
CA LEU A 92 9.58 5.20 11.21
C LEU A 92 10.61 5.69 10.19
N THR A 93 11.77 5.02 10.13
CA THR A 93 12.82 5.33 9.17
C THR A 93 12.95 4.20 8.15
N ASN A 94 13.50 4.56 6.97
CA ASN A 94 13.77 3.68 5.83
C ASN A 94 14.82 2.62 6.20
N SER A 95 15.78 2.99 7.08
CA SER A 95 16.91 2.17 7.52
C SER A 95 17.38 2.60 8.94
N PRO A 96 18.31 1.86 9.63
CA PRO A 96 18.79 2.34 10.95
C PRO A 96 19.44 3.71 10.86
N VAL A 97 19.30 4.48 11.93
CA VAL A 97 19.77 5.86 12.01
C VAL A 97 21.25 6.01 12.36
N GLU A 98 21.97 6.76 11.52
CA GLU A 98 23.39 7.09 11.65
C GLU A 98 23.52 8.59 11.47
N LEU A 99 24.23 9.28 12.39
CA LEU A 99 24.43 10.73 12.35
C LEU A 99 25.19 11.17 11.10
N ARG A 100 24.68 12.24 10.44
CA ARG A 100 25.22 12.85 9.22
C ARG A 100 25.15 11.98 7.93
N GLU A 101 24.41 10.84 7.98
CA GLU A 101 24.23 9.93 6.84
C GLU A 101 22.79 10.04 6.33
N PRO A 102 22.55 10.43 5.05
CA PRO A 102 21.16 10.56 4.56
C PRO A 102 20.24 9.39 4.84
N ASN A 103 19.01 9.70 5.31
CA ASN A 103 17.98 8.73 5.65
C ASN A 103 16.60 9.28 5.24
N VAL A 104 15.54 8.48 5.36
CA VAL A 104 14.19 8.90 5.02
C VAL A 104 13.22 8.61 6.18
N LEU A 105 12.44 9.63 6.58
CA LEU A 105 11.40 9.47 7.58
C LEU A 105 10.11 9.05 6.87
N ILE A 106 9.47 7.97 7.35
CA ILE A 106 8.23 7.47 6.76
C ILE A 106 7.07 7.66 7.73
N CYS A 107 5.99 8.32 7.25
CA CYS A 107 4.77 8.52 8.00
C CYS A 107 3.72 7.64 7.34
N PHE A 108 3.29 6.59 8.05
CA PHE A 108 2.30 5.64 7.58
C PHE A 108 0.95 5.90 8.25
N ILE A 109 -0.05 6.27 7.43
CA ILE A 109 -1.42 6.59 7.82
C ILE A 109 -2.28 5.41 7.29
N ASP A 110 -2.97 4.71 8.20
CA ASP A 110 -3.71 3.48 7.91
C ASP A 110 -5.11 3.41 8.54
N LYS A 111 -5.96 2.51 8.01
CA LYS A 111 -7.32 2.20 8.48
C LYS A 111 -8.23 3.45 8.62
N PHE A 112 -8.37 4.23 7.54
CA PHE A 112 -9.21 5.43 7.57
C PHE A 112 -10.14 5.58 6.38
N THR A 113 -11.19 6.39 6.56
CA THR A 113 -12.22 6.78 5.58
C THR A 113 -12.96 8.02 6.10
N PRO A 114 -13.30 9.05 5.27
CA PRO A 114 -13.11 9.19 3.82
C PRO A 114 -11.63 9.38 3.43
N PRO A 115 -11.24 9.16 2.16
CA PRO A 115 -9.82 9.32 1.80
C PRO A 115 -9.44 10.80 1.61
N VAL A 116 -9.33 11.53 2.76
CA VAL A 116 -8.94 12.95 2.82
C VAL A 116 -8.08 13.14 4.04
N VAL A 117 -6.87 13.67 3.85
CA VAL A 117 -5.92 14.00 4.92
C VAL A 117 -5.12 15.24 4.56
N ASN A 118 -4.59 15.92 5.59
CA ASN A 118 -3.65 17.03 5.45
C ASN A 118 -2.45 16.57 6.25
N VAL A 119 -1.34 16.32 5.56
CA VAL A 119 -0.12 15.83 6.20
C VAL A 119 0.99 16.85 6.07
N THR A 120 1.46 17.34 7.23
CA THR A 120 2.56 18.31 7.32
C THR A 120 3.70 17.68 8.13
N TRP A 121 4.93 17.82 7.62
CA TRP A 121 6.14 17.35 8.30
C TRP A 121 6.67 18.53 9.11
N LEU A 122 6.98 18.30 10.40
CA LEU A 122 7.46 19.37 11.28
C LEU A 122 8.86 19.12 11.85
N ARG A 123 9.83 19.95 11.43
CA ARG A 123 11.22 19.93 11.88
C ARG A 123 11.37 21.03 12.94
N ASN A 124 11.49 20.61 14.22
CA ASN A 124 11.60 21.49 15.41
C ASN A 124 10.34 22.35 15.60
N GLY A 125 9.18 21.80 15.21
CA GLY A 125 7.89 22.47 15.28
C GLY A 125 7.59 23.38 14.11
N LYS A 126 8.52 23.44 13.13
CA LYS A 126 8.40 24.27 11.92
C LYS A 126 8.16 23.41 10.66
N PRO A 127 7.21 23.81 9.76
CA PRO A 127 6.96 23.00 8.56
C PRO A 127 8.12 22.94 7.56
N VAL A 128 8.31 21.77 6.96
CA VAL A 128 9.36 21.47 5.98
C VAL A 128 8.73 20.82 4.73
N THR A 129 9.12 21.29 3.53
CA THR A 129 8.59 20.80 2.25
C THR A 129 9.68 20.35 1.26
N THR A 130 10.96 20.47 1.64
CA THR A 130 12.08 20.07 0.79
C THR A 130 12.27 18.55 0.74
N GLY A 131 12.21 18.01 -0.48
CA GLY A 131 12.39 16.58 -0.75
C GLY A 131 11.20 15.69 -0.46
N VAL A 132 10.14 16.25 0.19
CA VAL A 132 8.92 15.52 0.55
C VAL A 132 8.25 14.84 -0.65
N SER A 133 7.72 13.64 -0.42
CA SER A 133 6.98 12.86 -1.40
C SER A 133 5.85 12.11 -0.69
N GLU A 134 4.90 11.57 -1.46
CA GLU A 134 3.74 10.87 -0.92
C GLU A 134 3.13 9.94 -1.93
N THR A 135 2.43 8.92 -1.45
CA THR A 135 1.66 8.01 -2.28
C THR A 135 0.26 8.62 -2.35
N VAL A 136 -0.62 8.05 -3.20
CA VAL A 136 -2.02 8.45 -3.24
C VAL A 136 -2.74 7.60 -2.16
N PHE A 137 -4.07 7.64 -2.09
CA PHE A 137 -4.82 6.82 -1.14
C PHE A 137 -4.85 5.39 -1.71
N LEU A 138 -4.12 4.49 -1.04
CA LEU A 138 -3.89 3.10 -1.43
C LEU A 138 -4.99 2.16 -0.95
N PRO A 139 -5.32 1.08 -1.71
CA PRO A 139 -6.40 0.19 -1.26
C PRO A 139 -5.98 -0.83 -0.19
N ARG A 140 -6.98 -1.30 0.55
CA ARG A 140 -6.88 -2.33 1.60
C ARG A 140 -7.86 -3.46 1.23
N GLU A 141 -7.84 -4.57 2.01
CA GLU A 141 -8.74 -5.71 1.80
C GLU A 141 -10.21 -5.33 2.04
N ASP A 142 -10.44 -4.36 2.95
CA ASP A 142 -11.76 -3.82 3.30
C ASP A 142 -12.04 -2.44 2.64
N HIS A 143 -12.96 -1.66 3.23
CA HIS A 143 -13.41 -0.33 2.80
C HIS A 143 -12.45 0.80 3.23
N LEU A 144 -11.39 0.48 3.99
CA LEU A 144 -10.46 1.48 4.52
C LEU A 144 -9.28 1.78 3.60
N PHE A 145 -8.53 2.87 3.92
CA PHE A 145 -7.44 3.41 3.12
C PHE A 145 -6.10 3.47 3.84
N ARG A 146 -5.01 3.39 3.04
CA ARG A 146 -3.61 3.49 3.48
C ARG A 146 -3.00 4.68 2.75
N LYS A 147 -1.96 5.26 3.33
CA LYS A 147 -1.20 6.37 2.74
C LYS A 147 0.18 6.43 3.36
N PHE A 148 1.19 6.74 2.54
CA PHE A 148 2.58 6.90 2.98
C PHE A 148 3.08 8.29 2.59
N HIS A 149 3.77 8.94 3.53
CA HIS A 149 4.38 10.26 3.37
C HIS A 149 5.86 10.14 3.71
N TYR A 150 6.72 10.86 2.96
CA TYR A 150 8.18 10.75 3.11
C TYR A 150 8.87 12.07 3.30
N LEU A 151 9.96 12.04 4.08
CA LEU A 151 10.79 13.20 4.34
C LEU A 151 12.27 12.79 4.39
N PRO A 152 13.03 13.05 3.31
CA PRO A 152 14.46 12.71 3.31
C PRO A 152 15.18 13.71 4.22
N PHE A 153 15.99 13.20 5.15
CA PHE A 153 16.65 14.05 6.12
C PHE A 153 18.09 13.65 6.41
N LEU A 154 18.84 14.57 7.04
CA LEU A 154 20.20 14.33 7.50
C LEU A 154 20.12 14.25 9.02
N PRO A 155 20.27 13.04 9.59
CA PRO A 155 20.13 12.88 11.05
C PRO A 155 21.09 13.70 11.90
N SER A 156 20.53 14.32 12.94
CA SER A 156 21.23 15.16 13.90
C SER A 156 20.68 14.90 15.31
N THR A 157 21.49 15.19 16.34
CA THR A 157 21.08 15.04 17.74
C THR A 157 20.21 16.24 18.12
N GLU A 158 20.49 17.41 17.49
CA GLU A 158 19.80 18.69 17.71
C GLU A 158 18.35 18.66 17.19
N ASP A 159 18.16 18.38 15.89
CA ASP A 159 16.87 18.35 15.19
C ASP A 159 15.88 17.27 15.64
N VAL A 160 14.61 17.67 15.85
CA VAL A 160 13.49 16.80 16.24
C VAL A 160 12.40 16.81 15.16
N TYR A 161 11.65 15.70 15.01
CA TYR A 161 10.64 15.60 13.96
C TYR A 161 9.23 15.19 14.40
N ASP A 162 8.22 15.65 13.63
CA ASP A 162 6.80 15.38 13.84
C ASP A 162 6.05 15.23 12.53
N CYS A 163 5.10 14.30 12.49
CA CYS A 163 4.19 14.12 11.35
C CYS A 163 2.80 14.55 11.83
N ARG A 164 2.33 15.72 11.37
CA ARG A 164 1.01 16.23 11.76
C ARG A 164 -0.01 15.79 10.72
N VAL A 165 -0.96 14.95 11.15
CA VAL A 165 -2.01 14.38 10.30
C VAL A 165 -3.37 14.95 10.70
N GLU A 166 -4.09 15.52 9.72
CA GLU A 166 -5.43 16.10 9.91
C GLU A 166 -6.46 15.26 9.17
N HIS A 167 -7.47 14.78 9.89
CA HIS A 167 -8.57 13.96 9.38
C HIS A 167 -9.84 14.33 10.15
N TRP A 168 -11.01 14.31 9.47
CA TRP A 168 -12.31 14.66 10.07
C TRP A 168 -12.78 13.69 11.18
N GLY A 169 -12.13 12.53 11.30
CA GLY A 169 -12.40 11.53 12.34
C GLY A 169 -11.67 11.82 13.64
N LEU A 170 -10.70 12.77 13.60
CA LEU A 170 -9.90 13.18 14.76
C LEU A 170 -10.39 14.52 15.31
N ASP A 171 -10.57 14.59 16.65
CA ASP A 171 -10.99 15.81 17.34
C ASP A 171 -9.90 16.88 17.28
N GLU A 172 -8.63 16.44 17.34
CA GLU A 172 -7.43 17.29 17.29
C GLU A 172 -6.39 16.75 16.27
N PRO A 173 -5.62 17.62 15.56
CA PRO A 173 -4.60 17.09 14.61
C PRO A 173 -3.58 16.18 15.30
N LEU A 174 -3.45 14.94 14.80
CA LEU A 174 -2.57 13.92 15.36
C LEU A 174 -1.10 14.17 15.00
N LEU A 175 -0.24 14.28 16.03
CA LEU A 175 1.20 14.52 15.91
C LEU A 175 1.99 13.31 16.39
N LYS A 176 2.68 12.62 15.46
CA LYS A 176 3.53 11.48 15.81
C LYS A 176 4.97 11.92 15.72
N HIS A 177 5.66 11.87 16.86
CA HIS A 177 7.04 12.33 17.04
C HIS A 177 8.13 11.32 16.71
N TRP A 178 9.30 11.83 16.32
CA TRP A 178 10.52 11.09 16.04
C TRP A 178 11.75 11.93 16.39
N GLU A 179 12.75 11.29 17.04
CA GLU A 179 14.04 11.89 17.40
C GLU A 179 15.11 10.80 17.55
N PHE A 180 16.40 11.19 17.46
CA PHE A 180 17.55 10.28 17.56
C PHE A 180 17.71 9.74 18.99
N ASP A 181 17.90 8.39 19.10
CA ASP A 181 18.08 7.59 20.33
C ASP A 181 17.07 7.86 21.45
N ASP B 2 -13.40 20.36 8.48
CA ASP B 2 -14.69 20.56 7.82
C ASP B 2 -15.79 19.69 8.46
N THR B 3 -16.91 20.33 8.83
CA THR B 3 -18.06 19.69 9.47
C THR B 3 -19.06 19.08 8.47
N ARG B 4 -19.14 19.69 7.26
CA ARG B 4 -20.03 19.31 6.15
C ARG B 4 -20.06 17.79 5.87
N PRO B 5 -21.26 17.16 5.76
CA PRO B 5 -21.32 15.71 5.53
C PRO B 5 -20.72 15.27 4.19
N ARG B 6 -20.16 14.05 4.15
CA ARG B 6 -19.52 13.51 2.96
C ARG B 6 -20.16 12.21 2.48
N PHE B 7 -20.16 12.03 1.14
CA PHE B 7 -20.72 10.88 0.44
C PHE B 7 -19.64 10.35 -0.49
N LEU B 8 -19.27 9.07 -0.34
CA LEU B 8 -18.18 8.42 -1.07
C LEU B 8 -18.59 7.19 -1.89
N GLU B 9 -18.18 7.17 -3.17
CA GLU B 9 -18.37 6.04 -4.09
C GLU B 9 -16.98 5.49 -4.37
N TYR B 10 -16.73 4.25 -3.97
CA TYR B 10 -15.42 3.64 -4.11
C TYR B 10 -15.49 2.29 -4.79
N SER B 11 -14.59 2.05 -5.76
CA SER B 11 -14.55 0.80 -6.50
C SER B 11 -13.14 0.23 -6.62
N THR B 12 -13.03 -1.10 -6.46
CA THR B 12 -11.79 -1.85 -6.63
C THR B 12 -12.04 -2.99 -7.60
N SER B 13 -11.22 -3.05 -8.64
CA SER B 13 -11.24 -4.11 -9.64
C SER B 13 -9.97 -4.89 -9.36
N GLU B 14 -10.12 -6.05 -8.71
CA GLU B 14 -9.02 -6.89 -8.23
C GLU B 14 -8.76 -8.12 -9.08
N CYS B 15 -7.49 -8.36 -9.40
CA CYS B 15 -7.02 -9.52 -10.17
C CYS B 15 -6.13 -10.35 -9.25
N HIS B 16 -6.59 -11.54 -8.83
CA HIS B 16 -5.82 -12.40 -7.94
C HIS B 16 -5.18 -13.52 -8.76
N PHE B 17 -3.84 -13.61 -8.73
CA PHE B 17 -3.07 -14.58 -9.51
C PHE B 17 -2.49 -15.71 -8.68
N PHE B 18 -2.62 -16.94 -9.21
CA PHE B 18 -2.16 -18.20 -8.61
C PHE B 18 -1.38 -18.96 -9.70
N ASN B 19 -0.17 -19.46 -9.37
CA ASN B 19 0.74 -20.21 -10.25
C ASN B 19 0.95 -19.45 -11.58
N GLY B 20 1.49 -18.24 -11.48
CA GLY B 20 1.68 -17.34 -12.60
C GLY B 20 0.35 -16.76 -13.00
N THR B 21 -0.14 -17.15 -14.19
CA THR B 21 -1.45 -16.74 -14.73
C THR B 21 -2.34 -17.95 -15.03
N GLU B 22 -1.91 -19.16 -14.61
CA GLU B 22 -2.65 -20.41 -14.81
C GLU B 22 -4.02 -20.40 -14.12
N ARG B 23 -4.12 -19.75 -12.94
CA ARG B 23 -5.37 -19.60 -12.18
C ARG B 23 -5.53 -18.13 -11.76
N VAL B 24 -6.59 -17.47 -12.26
CA VAL B 24 -6.91 -16.05 -11.98
C VAL B 24 -8.32 -15.93 -11.36
N ARG B 25 -8.47 -15.02 -10.38
CA ARG B 25 -9.74 -14.71 -9.74
C ARG B 25 -10.03 -13.20 -9.84
N PHE B 26 -10.93 -12.81 -10.76
CA PHE B 26 -11.31 -11.42 -10.99
C PHE B 26 -12.48 -10.99 -10.09
N LEU B 27 -12.27 -9.92 -9.30
CA LEU B 27 -13.24 -9.39 -8.34
C LEU B 27 -13.55 -7.90 -8.56
N ASP B 28 -14.73 -7.60 -9.10
CA ASP B 28 -15.18 -6.22 -9.35
C ASP B 28 -16.07 -5.78 -8.20
N ARG B 29 -15.49 -5.11 -7.21
CA ARG B 29 -16.16 -4.65 -5.99
C ARG B 29 -16.61 -3.19 -6.04
N TYR B 30 -17.76 -2.88 -5.42
CA TYR B 30 -18.33 -1.53 -5.35
C TYR B 30 -18.69 -1.21 -3.91
N PHE B 31 -18.26 -0.05 -3.43
CA PHE B 31 -18.52 0.40 -2.08
C PHE B 31 -19.19 1.76 -2.06
N TYR B 32 -20.15 1.94 -1.15
CA TYR B 32 -20.79 3.23 -0.88
C TYR B 32 -20.50 3.49 0.58
N ASN B 33 -19.79 4.60 0.85
CA ASN B 33 -19.31 4.99 2.17
C ASN B 33 -18.40 3.87 2.72
N GLN B 34 -18.86 3.10 3.74
CA GLN B 34 -18.10 1.99 4.31
C GLN B 34 -18.68 0.64 3.86
N GLU B 35 -19.83 0.68 3.19
CA GLU B 35 -20.60 -0.48 2.77
C GLU B 35 -20.33 -1.00 1.36
N GLU B 36 -19.87 -2.26 1.24
CA GLU B 36 -19.69 -2.93 -0.04
C GLU B 36 -21.11 -3.41 -0.38
N TYR B 37 -21.70 -2.87 -1.45
CA TYR B 37 -23.09 -3.18 -1.80
C TYR B 37 -23.29 -4.26 -2.84
N VAL B 38 -22.41 -4.32 -3.85
CA VAL B 38 -22.50 -5.30 -4.95
C VAL B 38 -21.09 -5.68 -5.42
N ARG B 39 -20.96 -6.83 -6.11
CA ARG B 39 -19.70 -7.30 -6.67
C ARG B 39 -19.88 -8.31 -7.79
N PHE B 40 -18.85 -8.42 -8.65
CA PHE B 40 -18.78 -9.42 -9.69
C PHE B 40 -17.59 -10.32 -9.36
N ASP B 41 -17.84 -11.61 -9.17
CA ASP B 41 -16.81 -12.60 -8.91
C ASP B 41 -16.73 -13.44 -10.17
N SER B 42 -15.52 -13.60 -10.75
CA SER B 42 -15.30 -14.39 -11.97
C SER B 42 -15.67 -15.86 -11.74
N ASP B 43 -15.52 -16.34 -10.48
CA ASP B 43 -15.87 -17.70 -10.07
C ASP B 43 -17.39 -17.91 -10.11
N VAL B 44 -18.15 -16.88 -9.67
CA VAL B 44 -19.62 -16.88 -9.70
C VAL B 44 -20.10 -16.72 -11.16
N GLY B 45 -19.53 -15.76 -11.89
CA GLY B 45 -19.85 -15.52 -13.29
C GLY B 45 -20.93 -14.48 -13.54
N GLU B 46 -21.47 -13.90 -12.47
CA GLU B 46 -22.51 -12.86 -12.52
C GLU B 46 -22.42 -11.92 -11.31
N PHE B 47 -23.13 -10.77 -11.38
CA PHE B 47 -23.17 -9.80 -10.28
C PHE B 47 -24.05 -10.31 -9.16
N ARG B 48 -23.62 -10.08 -7.92
CA ARG B 48 -24.33 -10.48 -6.72
C ARG B 48 -24.29 -9.37 -5.68
N ALA B 49 -25.44 -9.09 -5.07
CA ALA B 49 -25.59 -8.08 -4.03
C ALA B 49 -24.95 -8.56 -2.74
N VAL B 50 -24.05 -7.76 -2.17
CA VAL B 50 -23.36 -8.06 -0.92
C VAL B 50 -24.31 -7.67 0.23
N THR B 51 -25.05 -6.57 0.04
CA THR B 51 -26.06 -6.07 0.98
C THR B 51 -27.36 -5.75 0.23
N GLU B 52 -28.37 -5.26 0.96
CA GLU B 52 -29.70 -4.87 0.48
C GLU B 52 -29.58 -3.75 -0.57
N LEU B 53 -28.69 -2.77 -0.31
CA LEU B 53 -28.40 -1.60 -1.13
C LEU B 53 -27.90 -1.92 -2.57
N GLY B 54 -27.35 -3.11 -2.78
CA GLY B 54 -26.85 -3.55 -4.07
C GLY B 54 -27.81 -4.39 -4.90
N ARG B 55 -29.04 -4.64 -4.38
CA ARG B 55 -30.09 -5.40 -5.06
C ARG B 55 -30.52 -4.80 -6.41
N PRO B 56 -30.72 -3.47 -6.60
CA PRO B 56 -31.12 -2.96 -7.92
C PRO B 56 -30.03 -3.11 -8.97
N ASP B 57 -28.74 -3.13 -8.54
CA ASP B 57 -27.58 -3.30 -9.41
C ASP B 57 -27.38 -4.74 -9.83
N GLU B 58 -27.74 -5.70 -8.95
CA GLU B 58 -27.67 -7.13 -9.24
C GLU B 58 -28.63 -7.44 -10.40
N GLU B 59 -29.90 -6.99 -10.28
CA GLU B 59 -30.95 -7.19 -11.29
C GLU B 59 -30.61 -6.50 -12.62
N TYR B 60 -30.17 -5.21 -12.55
CA TYR B 60 -29.83 -4.39 -13.71
C TYR B 60 -28.55 -4.80 -14.43
N TRP B 61 -27.41 -4.90 -13.72
CA TRP B 61 -26.14 -5.27 -14.36
C TRP B 61 -26.09 -6.67 -14.97
N ASN B 62 -26.89 -7.62 -14.46
CA ASN B 62 -26.97 -8.98 -15.00
C ASN B 62 -27.80 -9.03 -16.30
N SER B 63 -28.71 -8.04 -16.50
CA SER B 63 -29.54 -7.92 -17.70
C SER B 63 -28.80 -7.17 -18.81
N GLN B 64 -27.70 -6.46 -18.44
CA GLN B 64 -26.86 -5.71 -19.36
C GLN B 64 -25.85 -6.69 -19.92
N LYS B 65 -26.25 -7.41 -20.97
CA LYS B 65 -25.50 -8.49 -21.62
C LYS B 65 -24.10 -8.14 -22.12
N ASP B 66 -23.92 -6.95 -22.72
CA ASP B 66 -22.62 -6.49 -23.21
C ASP B 66 -21.64 -6.18 -22.07
N PHE B 67 -22.18 -5.72 -20.91
CA PHE B 67 -21.41 -5.40 -19.71
C PHE B 67 -21.05 -6.68 -18.93
N LEU B 68 -21.97 -7.67 -18.90
CA LEU B 68 -21.77 -8.95 -18.21
C LEU B 68 -20.75 -9.84 -18.96
N GLU B 69 -20.76 -9.81 -20.31
CA GLU B 69 -19.81 -10.56 -21.14
C GLU B 69 -18.41 -9.95 -21.00
N ASP B 70 -18.34 -8.61 -20.90
CA ASP B 70 -17.11 -7.83 -20.71
C ASP B 70 -16.42 -8.25 -19.40
N ARG B 71 -17.22 -8.41 -18.32
CA ARG B 71 -16.74 -8.83 -17.00
C ARG B 71 -16.31 -10.31 -17.00
N ARG B 72 -17.01 -11.16 -17.76
CA ARG B 72 -16.72 -12.59 -17.88
C ARG B 72 -15.41 -12.86 -18.62
N ALA B 73 -15.04 -11.96 -19.54
CA ALA B 73 -13.82 -12.05 -20.35
C ALA B 73 -12.63 -11.32 -19.68
N ALA B 74 -12.88 -10.61 -18.56
CA ALA B 74 -11.85 -9.85 -17.84
C ALA B 74 -10.61 -10.65 -17.41
N VAL B 75 -10.78 -11.92 -16.96
CA VAL B 75 -9.65 -12.78 -16.57
C VAL B 75 -8.53 -12.85 -17.63
N ASP B 76 -8.92 -12.87 -18.93
CA ASP B 76 -7.98 -12.91 -20.05
C ASP B 76 -7.66 -11.52 -20.65
N THR B 77 -8.71 -10.77 -21.04
CA THR B 77 -8.60 -9.43 -21.67
C THR B 77 -8.12 -8.31 -20.73
N TYR B 78 -8.32 -8.44 -19.42
CA TYR B 78 -7.96 -7.42 -18.44
C TYR B 78 -6.90 -7.89 -17.43
N CYS B 79 -7.18 -8.95 -16.67
CA CYS B 79 -6.30 -9.53 -15.64
C CYS B 79 -4.98 -10.05 -16.18
N ARG B 80 -5.01 -11.06 -17.07
CA ARG B 80 -3.82 -11.66 -17.67
C ARG B 80 -3.03 -10.66 -18.50
N HIS B 81 -3.75 -9.77 -19.21
CA HIS B 81 -3.18 -8.71 -20.04
C HIS B 81 -2.29 -7.78 -19.20
N ASN B 82 -2.86 -7.20 -18.12
CA ASN B 82 -2.13 -6.28 -17.23
C ASN B 82 -0.99 -6.92 -16.45
N TYR B 83 -1.04 -8.24 -16.24
CA TYR B 83 0.03 -8.99 -15.58
C TYR B 83 1.27 -8.97 -16.48
N GLY B 84 1.07 -9.21 -17.77
CA GLY B 84 2.11 -9.24 -18.80
C GLY B 84 2.73 -7.89 -19.08
N VAL B 85 1.92 -6.81 -19.04
CA VAL B 85 2.34 -5.43 -19.27
C VAL B 85 3.39 -4.98 -18.23
N GLY B 86 3.19 -5.37 -16.97
CA GLY B 86 4.08 -5.00 -15.88
C GLY B 86 5.03 -6.05 -15.35
N GLU B 87 4.95 -7.30 -15.85
CA GLU B 87 5.74 -8.47 -15.44
C GLU B 87 7.23 -8.24 -15.15
N SER B 88 7.94 -7.56 -16.07
CA SER B 88 9.38 -7.32 -15.95
C SER B 88 9.81 -6.42 -14.79
N PHE B 89 8.97 -5.45 -14.41
CA PHE B 89 9.29 -4.50 -13.35
C PHE B 89 8.46 -4.63 -12.06
N THR B 90 7.57 -5.60 -11.98
CA THR B 90 6.73 -5.83 -10.79
C THR B 90 6.98 -7.21 -10.22
N VAL B 91 6.53 -8.25 -10.94
CA VAL B 91 6.64 -9.68 -10.59
C VAL B 91 8.12 -10.09 -10.56
N GLN B 92 8.88 -9.67 -11.59
CA GLN B 92 10.30 -10.01 -11.75
C GLN B 92 11.24 -8.96 -11.13
N ARG B 93 10.71 -7.95 -10.44
CA ARG B 93 11.49 -6.89 -9.79
C ARG B 93 12.33 -7.49 -8.64
N ARG B 94 13.64 -7.19 -8.62
CA ARG B 94 14.61 -7.68 -7.64
C ARG B 94 15.52 -6.57 -7.13
N VAL B 95 15.33 -6.16 -5.88
CA VAL B 95 16.13 -5.10 -5.25
C VAL B 95 16.86 -5.75 -4.07
N HIS B 96 18.20 -5.72 -4.11
CA HIS B 96 19.05 -6.37 -3.11
C HIS B 96 19.04 -5.69 -1.75
N PRO B 97 19.06 -6.46 -0.65
CA PRO B 97 18.99 -5.83 0.69
C PRO B 97 20.28 -5.23 1.25
N LYS B 98 20.10 -4.31 2.21
CA LYS B 98 21.14 -3.66 2.99
C LYS B 98 21.06 -4.34 4.37
N VAL B 99 22.14 -5.03 4.78
CA VAL B 99 22.18 -5.76 6.05
C VAL B 99 23.04 -5.01 7.07
N THR B 100 22.39 -4.57 8.17
CA THR B 100 23.03 -3.81 9.26
C THR B 100 22.90 -4.56 10.58
N VAL B 101 24.04 -4.79 11.27
CA VAL B 101 24.02 -5.44 12.58
C VAL B 101 24.53 -4.47 13.65
N TYR B 102 23.71 -4.22 14.68
CA TYR B 102 24.05 -3.32 15.77
C TYR B 102 23.55 -3.83 17.13
N PRO B 103 24.32 -3.63 18.23
CA PRO B 103 23.83 -4.06 19.54
C PRO B 103 22.79 -3.06 20.08
N SER B 104 21.83 -3.56 20.86
CA SER B 104 20.78 -2.70 21.41
C SER B 104 20.59 -2.82 22.92
N LYS B 105 20.11 -1.72 23.52
CA LYS B 105 19.80 -1.59 24.94
C LYS B 105 18.49 -2.31 25.26
N THR B 106 18.44 -2.99 26.42
CA THR B 106 17.25 -3.71 26.86
C THR B 106 16.28 -2.76 27.60
N GLN B 107 14.96 -2.94 27.36
CA GLN B 107 13.88 -2.10 27.88
C GLN B 107 12.96 -2.71 28.98
N PRO B 108 13.27 -2.56 30.29
CA PRO B 108 14.46 -1.94 30.90
C PRO B 108 15.55 -3.01 31.12
N LEU B 109 16.48 -2.79 32.09
CA LEU B 109 17.56 -3.73 32.40
C LEU B 109 17.07 -5.16 32.62
N GLN B 110 17.33 -6.02 31.63
CA GLN B 110 16.99 -7.44 31.61
C GLN B 110 18.28 -8.24 31.66
N HIS B 111 18.18 -9.57 31.76
CA HIS B 111 19.35 -10.45 31.80
C HIS B 111 20.10 -10.42 30.47
N HIS B 112 19.34 -10.41 29.37
CA HIS B 112 19.85 -10.44 28.00
C HIS B 112 19.84 -9.07 27.35
N ASN B 113 20.82 -8.85 26.46
CA ASN B 113 20.89 -7.66 25.63
C ASN B 113 20.49 -8.09 24.22
N LEU B 114 20.07 -7.14 23.40
CA LEU B 114 19.63 -7.46 22.05
C LEU B 114 20.70 -7.18 21.01
N LEU B 115 20.74 -8.04 19.98
CA LEU B 115 21.63 -7.88 18.85
C LEU B 115 20.71 -7.80 17.64
N VAL B 116 20.59 -6.58 17.08
CA VAL B 116 19.66 -6.28 15.98
C VAL B 116 20.21 -6.51 14.59
N CYS B 117 19.47 -7.26 13.78
CA CYS B 117 19.80 -7.43 12.38
C CYS B 117 18.74 -6.74 11.56
N SER B 118 19.09 -5.54 11.07
CA SER B 118 18.22 -4.75 10.22
C SER B 118 18.49 -5.10 8.77
N VAL B 119 17.43 -5.49 8.05
CA VAL B 119 17.48 -5.81 6.63
C VAL B 119 16.57 -4.78 5.95
N SER B 120 17.14 -3.85 5.17
CA SER B 120 16.35 -2.79 4.53
C SER B 120 16.54 -2.65 3.01
N GLY B 121 15.59 -1.91 2.40
CA GLY B 121 15.54 -1.57 0.98
C GLY B 121 15.48 -2.71 -0.01
N PHE B 122 14.72 -3.78 0.30
CA PHE B 122 14.62 -4.96 -0.55
C PHE B 122 13.23 -5.20 -1.17
N TYR B 123 13.20 -5.88 -2.33
CA TYR B 123 12.00 -6.26 -3.09
C TYR B 123 12.21 -7.60 -3.84
N PRO B 124 11.28 -8.57 -3.78
CA PRO B 124 9.97 -8.58 -3.09
C PRO B 124 10.05 -8.80 -1.58
N GLY B 125 8.88 -8.98 -0.97
CA GLY B 125 8.72 -9.17 0.48
C GLY B 125 9.25 -10.48 1.05
N SER B 126 9.25 -11.56 0.24
CA SER B 126 9.73 -12.88 0.66
C SER B 126 11.23 -12.87 1.01
N ILE B 127 11.54 -13.09 2.31
CA ILE B 127 12.90 -13.06 2.85
C ILE B 127 13.11 -14.08 3.99
N GLU B 128 14.35 -14.56 4.14
CA GLU B 128 14.76 -15.48 5.20
C GLU B 128 15.93 -14.86 5.94
N VAL B 129 15.72 -14.52 7.22
CA VAL B 129 16.74 -13.92 8.08
C VAL B 129 16.97 -14.87 9.25
N ARG B 130 18.23 -15.35 9.36
CA ARG B 130 18.65 -16.34 10.37
C ARG B 130 19.81 -15.85 11.23
N TRP B 131 19.76 -16.16 12.54
CA TRP B 131 20.83 -15.81 13.47
C TRP B 131 21.71 -17.03 13.75
N PHE B 132 23.03 -16.80 13.82
CA PHE B 132 24.03 -17.84 14.10
C PHE B 132 24.94 -17.47 15.26
N ARG B 133 25.30 -18.48 16.07
CA ARG B 133 26.20 -18.36 17.21
C ARG B 133 27.30 -19.41 17.01
N ASN B 134 28.49 -18.93 16.59
CA ASN B 134 29.68 -19.75 16.29
C ASN B 134 29.41 -20.90 15.28
N GLY B 135 28.69 -20.56 14.20
CA GLY B 135 28.34 -21.49 13.14
C GLY B 135 27.06 -22.29 13.36
N GLN B 136 26.51 -22.22 14.59
CA GLN B 136 25.28 -22.92 14.98
C GLN B 136 24.08 -21.98 14.99
N GLU B 137 22.98 -22.37 14.31
CA GLU B 137 21.77 -21.55 14.22
C GLU B 137 21.00 -21.47 15.53
N GLU B 138 20.71 -20.24 15.97
CA GLU B 138 19.93 -19.94 17.16
C GLU B 138 18.46 -19.94 16.78
N LYS B 139 17.66 -20.80 17.42
CA LYS B 139 16.21 -20.89 17.15
C LYS B 139 15.37 -20.28 18.25
N THR B 140 15.91 -20.25 19.48
CA THR B 140 15.26 -19.66 20.65
C THR B 140 15.85 -18.27 20.89
N GLY B 141 15.02 -17.37 21.44
CA GLY B 141 15.41 -15.99 21.74
C GLY B 141 15.50 -15.07 20.55
N VAL B 142 14.86 -15.46 19.43
CA VAL B 142 14.85 -14.66 18.20
C VAL B 142 13.51 -13.92 18.13
N VAL B 143 13.57 -12.57 18.13
CA VAL B 143 12.39 -11.70 18.09
C VAL B 143 12.40 -10.89 16.78
N SER B 144 11.25 -10.86 16.06
CA SER B 144 11.14 -10.13 14.81
C SER B 144 9.95 -9.18 14.78
N THR B 145 10.16 -7.99 14.18
CA THR B 145 9.13 -6.96 14.00
C THR B 145 8.17 -7.37 12.88
N GLY B 146 8.52 -8.44 12.17
CA GLY B 146 7.79 -8.91 11.02
C GLY B 146 8.18 -8.14 9.78
N LEU B 147 7.49 -8.37 8.67
CA LEU B 147 7.76 -7.68 7.41
C LEU B 147 7.14 -6.28 7.39
N ILE B 148 7.98 -5.25 7.21
CA ILE B 148 7.54 -3.86 7.15
C ILE B 148 7.58 -3.38 5.70
N HIS B 149 6.41 -3.04 5.14
CA HIS B 149 6.30 -2.50 3.78
C HIS B 149 6.52 -1.00 3.87
N ASN B 150 7.50 -0.46 3.10
CA ASN B 150 7.83 0.97 3.14
C ASN B 150 7.00 1.85 2.19
N GLY B 151 6.15 1.23 1.38
CA GLY B 151 5.27 1.91 0.43
C GLY B 151 5.94 2.50 -0.80
N ASP B 152 7.25 2.23 -1.00
CA ASP B 152 8.01 2.76 -2.14
C ASP B 152 8.72 1.64 -2.91
N TRP B 153 8.02 0.50 -3.07
CA TRP B 153 8.51 -0.72 -3.74
C TRP B 153 9.71 -1.36 -3.02
N THR B 154 9.79 -1.17 -1.69
CA THR B 154 10.84 -1.73 -0.83
C THR B 154 10.22 -2.20 0.48
N PHE B 155 10.94 -3.11 1.17
CA PHE B 155 10.55 -3.66 2.46
C PHE B 155 11.70 -3.58 3.44
N GLN B 156 11.39 -3.78 4.73
CA GLN B 156 12.37 -3.83 5.80
C GLN B 156 11.92 -4.76 6.91
N THR B 157 12.89 -5.22 7.72
CA THR B 157 12.67 -6.11 8.86
C THR B 157 13.80 -6.00 9.86
N LEU B 158 13.46 -6.07 11.15
CA LEU B 158 14.42 -6.05 12.24
C LEU B 158 14.28 -7.39 12.95
N VAL B 159 15.34 -8.22 12.89
CA VAL B 159 15.41 -9.55 13.49
C VAL B 159 16.41 -9.48 14.64
N MET B 160 15.89 -9.48 15.87
CA MET B 160 16.65 -9.39 17.12
C MET B 160 16.98 -10.74 17.70
N LEU B 161 18.12 -10.81 18.38
CA LEU B 161 18.61 -11.98 19.09
C LEU B 161 18.83 -11.59 20.54
N GLU B 162 18.17 -12.32 21.45
CA GLU B 162 18.26 -12.13 22.90
C GLU B 162 19.45 -12.99 23.34
N THR B 163 20.61 -12.37 23.63
CA THR B 163 21.82 -13.09 24.05
C THR B 163 22.69 -12.35 25.07
N VAL B 164 23.62 -13.10 25.69
CA VAL B 164 24.60 -12.61 26.64
C VAL B 164 26.01 -12.68 25.98
N PRO B 165 26.60 -11.54 25.56
CA PRO B 165 27.91 -11.58 24.87
C PRO B 165 29.05 -12.14 25.75
N ARG B 166 29.25 -13.47 25.64
CA ARG B 166 30.25 -14.24 26.39
C ARG B 166 31.32 -14.91 25.50
N SER B 167 32.28 -15.66 26.11
CA SER B 167 33.39 -16.41 25.51
C SER B 167 34.40 -15.62 24.65
N GLY B 168 33.87 -14.81 23.74
CA GLY B 168 34.60 -14.04 22.73
C GLY B 168 34.02 -14.41 21.38
N GLU B 169 32.78 -14.97 21.44
CA GLU B 169 31.92 -15.50 20.37
C GLU B 169 31.77 -14.63 19.13
N VAL B 170 31.44 -15.28 18.02
CA VAL B 170 31.17 -14.64 16.74
C VAL B 170 29.70 -14.83 16.36
N TYR B 171 28.92 -13.74 16.42
CA TYR B 171 27.51 -13.74 16.06
C TYR B 171 27.39 -13.39 14.59
N THR B 172 26.53 -14.10 13.85
CA THR B 172 26.37 -13.88 12.43
C THR B 172 24.90 -13.88 12.00
N CYS B 173 24.48 -12.81 11.31
CA CYS B 173 23.13 -12.71 10.75
C CYS B 173 23.22 -13.14 9.29
N GLN B 174 22.40 -14.12 8.89
CA GLN B 174 22.37 -14.66 7.54
C GLN B 174 21.07 -14.26 6.84
N VAL B 175 21.20 -13.69 5.64
CA VAL B 175 20.06 -13.21 4.85
C VAL B 175 19.95 -13.94 3.51
N GLU B 176 18.76 -14.48 3.22
CA GLU B 176 18.44 -15.16 1.97
C GLU B 176 17.25 -14.47 1.32
N HIS B 177 17.45 -13.96 0.09
CA HIS B 177 16.44 -13.21 -0.66
C HIS B 177 16.55 -13.54 -2.16
N PRO B 178 15.43 -13.62 -2.91
CA PRO B 178 15.52 -13.94 -4.36
C PRO B 178 16.43 -13.05 -5.23
N SER B 179 16.75 -11.83 -4.74
CA SER B 179 17.61 -10.87 -5.44
C SER B 179 19.10 -11.22 -5.34
N VAL B 180 19.47 -12.19 -4.48
CA VAL B 180 20.87 -12.63 -4.28
C VAL B 180 21.03 -14.14 -4.48
N THR B 181 22.12 -14.56 -5.17
CA THR B 181 22.40 -15.97 -5.47
C THR B 181 22.82 -16.80 -4.26
N SER B 182 23.75 -16.28 -3.44
CA SER B 182 24.21 -16.96 -2.23
C SER B 182 23.84 -16.15 -0.98
N PRO B 183 23.58 -16.81 0.19
CA PRO B 183 23.23 -16.05 1.40
C PRO B 183 24.24 -14.99 1.81
N LEU B 184 23.72 -13.85 2.28
CA LEU B 184 24.47 -12.68 2.73
C LEU B 184 24.70 -12.78 4.22
N THR B 185 25.92 -12.47 4.68
CA THR B 185 26.23 -12.52 6.11
C THR B 185 26.94 -11.29 6.62
N VAL B 186 26.62 -10.88 7.86
CA VAL B 186 27.27 -9.78 8.57
C VAL B 186 27.66 -10.33 9.94
N GLU B 187 28.97 -10.39 10.21
CA GLU B 187 29.52 -10.92 11.45
C GLU B 187 29.71 -9.81 12.49
N TRP B 188 29.38 -10.13 13.75
CA TRP B 188 29.51 -9.23 14.88
C TRP B 188 30.22 -9.92 16.05
N ARG B 189 31.17 -9.21 16.67
CA ARG B 189 31.95 -9.68 17.81
C ARG B 189 31.99 -8.63 18.91
N ALA B 190 31.91 -9.09 20.18
CA ALA B 190 31.93 -8.24 21.38
C ALA B 190 33.27 -7.53 21.57
N VAL C 5 3.11 -5.02 -30.39
CA VAL C 5 3.20 -5.45 -28.99
C VAL C 5 2.48 -4.41 -28.10
N ASP C 6 1.44 -4.86 -27.35
CA ASP C 6 0.71 -3.96 -26.46
C ASP C 6 1.36 -3.90 -25.08
N ARG C 7 1.97 -2.74 -24.78
CA ARG C 7 2.65 -2.45 -23.51
C ARG C 7 1.80 -1.45 -22.72
N PHE C 8 0.50 -1.38 -23.04
CA PHE C 8 -0.48 -0.49 -22.45
C PHE C 8 -1.33 -1.20 -21.42
N TYR C 9 -1.49 -0.57 -20.23
CA TYR C 9 -2.36 -1.05 -19.17
C TYR C 9 -3.79 -0.79 -19.63
N LYS C 10 -4.69 -1.75 -19.39
CA LYS C 10 -6.08 -1.61 -19.78
C LYS C 10 -6.93 -1.20 -18.59
N THR C 11 -7.86 -0.25 -18.80
CA THR C 11 -8.79 0.22 -17.79
C THR C 11 -10.01 -0.68 -17.84
N LEU C 12 -10.52 -1.08 -16.66
CA LEU C 12 -11.76 -1.85 -16.61
C LEU C 12 -12.85 -0.79 -16.60
N ARG C 13 -13.55 -0.64 -17.74
CA ARG C 13 -14.60 0.35 -17.93
C ARG C 13 -15.72 0.23 -16.91
N ALA C 14 -16.22 1.39 -16.43
CA ALA C 14 -17.32 1.49 -15.48
C ALA C 14 -18.65 1.68 -16.22
N GLU C 15 -19.73 1.16 -15.65
CA GLU C 15 -21.09 1.24 -16.18
C GLU C 15 -21.95 1.94 -15.15
N GLN C 16 -22.92 2.75 -15.61
CA GLN C 16 -23.84 3.47 -14.73
C GLN C 16 -24.76 2.50 -13.99
N ALA C 17 -24.94 2.75 -12.69
CA ALA C 17 -25.78 1.97 -11.77
C ALA C 17 -27.27 2.07 -12.14
N SER C 18 -28.11 1.27 -11.47
CA SER C 18 -29.57 1.29 -11.70
C SER C 18 -30.17 2.53 -11.05
N GLN C 19 -31.00 3.26 -11.80
CA GLN C 19 -31.69 4.44 -11.29
C GLN C 19 -33.04 4.09 -10.59
N GLU C 20 -33.41 2.78 -10.60
CA GLU C 20 -34.62 2.25 -9.98
C GLU C 20 -34.45 2.01 -8.47
C1 NAG D . -7.26 20.38 5.22
C2 NAG D . -8.55 20.12 5.92
C3 NAG D . -9.63 21.01 5.49
C4 NAG D . -9.25 22.42 5.60
C5 NAG D . -7.91 22.77 4.90
C6 NAG D . -7.43 24.21 5.20
C7 NAG D . -8.91 17.72 6.71
C8 NAG D . -9.20 16.26 6.37
N2 NAG D . -8.87 18.70 5.66
O3 NAG D . -10.78 20.76 6.26
O4 NAG D . -10.34 23.23 5.21
O5 NAG D . -6.87 21.84 5.15
O6 NAG D . -6.38 24.70 4.46
O7 NAG D . -8.75 18.04 7.86
C1 NAG D . -10.81 24.18 6.13
C2 NAG D . -11.57 25.25 5.41
C3 NAG D . -12.15 26.24 6.34
C4 NAG D . -12.84 25.69 7.51
C5 NAG D . -12.19 24.44 8.16
C6 NAG D . -13.14 23.77 9.16
C7 NAG D . -10.58 25.64 3.09
C8 NAG D . -9.60 26.42 2.21
N2 NAG D . -10.65 25.95 4.51
O3 NAG D . -13.03 27.07 5.61
O4 NAG D . -12.92 26.75 8.45
O5 NAG D . -11.64 23.53 7.21
O6 NAG D . -12.79 23.79 10.50
O7 NAG D . -11.27 24.78 2.60
C1 NAG E . -34.95 4.24 2.59
C2 NAG E . -34.55 2.92 3.18
C3 NAG E . -35.54 1.84 2.95
C4 NAG E . -36.96 2.19 3.02
C5 NAG E . -37.33 3.65 2.66
C6 NAG E . -38.73 3.99 3.18
C7 NAG E . -32.06 2.44 3.36
C8 NAG E . -30.75 2.02 2.68
N2 NAG E . -33.26 2.53 2.58
O3 NAG E . -35.30 0.81 3.88
O4 NAG E . -37.64 1.26 2.19
O5 NAG E . -36.34 4.61 3.00
O6 NAG E . -39.83 3.66 2.40
O7 NAG E . -32.05 2.69 4.55
S SO4 F . 2.57 7.39 -20.54
O1 SO4 F . 3.79 6.59 -20.57
O2 SO4 F . 2.43 8.11 -21.82
O3 SO4 F . 1.42 6.52 -20.36
O4 SO4 F . 2.63 8.35 -19.44
S SO4 G . -5.05 -5.18 9.43
O1 SO4 G . -5.35 -6.04 8.28
O2 SO4 G . -4.22 -4.07 9.00
O3 SO4 G . -4.34 -5.96 10.44
O4 SO4 G . -6.31 -4.69 10.00
NA NA H . 6.25 1.93 -23.14
C1 NAG I . 1.47 -24.58 -12.52
C2 NAG I . 1.29 -25.91 -11.86
C3 NAG I . 1.88 -27.02 -12.62
C4 NAG I . 1.48 -27.07 -14.03
C5 NAG I . 1.53 -25.69 -14.75
C6 NAG I . 0.88 -25.78 -16.14
C7 NAG I . 1.15 -25.84 -9.29
C8 NAG I . 1.88 -25.78 -7.94
N2 NAG I . 1.92 -25.85 -10.52
O3 NAG I . 1.50 -28.24 -12.02
O4 NAG I . 2.33 -28.02 -14.66
O5 NAG I . 1.04 -24.61 -13.97
O6 NAG I . 1.51 -26.58 -17.08
O7 NAG I . -0.05 -25.90 -9.31
C ACT J . 3.76 -1.55 6.87
O ACT J . 4.39 -0.55 7.29
OXT ACT J . 3.97 -2.75 7.20
CH3 ACT J . 2.63 -1.29 5.85
C ACT K . 9.69 -14.70 -11.31
O ACT K . 10.48 -14.23 -12.17
OXT ACT K . 9.08 -14.03 -10.45
CH3 ACT K . 9.47 -16.22 -11.33
S SO4 L . -9.40 -18.78 -15.18
O1 SO4 L . -8.09 -18.67 -14.52
O2 SO4 L . -9.26 -18.59 -16.62
O3 SO4 L . -9.97 -20.10 -14.91
O4 SO4 L . -10.30 -17.76 -14.65
S SO4 M . -13.94 -13.04 -0.31
O1 SO4 M . -13.02 -14.02 0.28
O2 SO4 M . -13.18 -11.99 -0.98
O3 SO4 M . -14.80 -13.72 -1.27
O4 SO4 M . -14.76 -12.45 0.74
S SO4 N . -26.43 -16.29 -18.86
O1 SO4 N . -25.75 -15.11 -18.31
O2 SO4 N . -25.71 -16.74 -20.05
O3 SO4 N . -26.43 -17.35 -17.85
O4 SO4 N . -27.80 -15.94 -19.22
NA NA O . 13.93 -16.37 0.07
NA NA P . -3.32 2.33 -19.99
#